data_9GYK
#
_entry.id   9GYK
#
_cell.length_a   65.950
_cell.length_b   65.950
_cell.length_c   264.410
_cell.angle_alpha   90.00
_cell.angle_beta   90.00
_cell.angle_gamma   120.00
#
_symmetry.space_group_name_H-M   'P 65 2 2'
#
loop_
_entity.id
_entity.type
_entity.pdbx_description
1 polymer 'Vitamin D3 receptor A'
2 polymer 'Nuclear receptor coactivator 2'
3 non-polymer 'ACETATE ION'
4 non-polymer (1~{R},3~{S},5~{Z})-5-[(2~{E})-2-[(1~{S},3~{a}~{S},7~{a}~{S})-7~{a}-methyl-1-(4-trimethylsilylbuta-1,3-diynyl)-2,3,3~{a},5,6,7-hexahydro-1~{H}-inden-4-ylidene]ethylidene]-4-methylidene-cyclohexane-1,3-diol
5 water water
#
loop_
_entity_poly.entity_id
_entity_poly.type
_entity_poly.pdbx_seq_one_letter_code
_entity_poly.pdbx_strand_id
1 'polypeptide(L)'
;GSHMLSDEQMQIINSLVEAHHKTYDDSYSDFVRFRPPVREGPVTRSASRAASLHSLSDASSDSFNHSPESVDTKLNFSNL
LMMYQDSGSPDSSEEDQQSRLSMLPHLADLVSYSIQKVIGFAKMIPGFRDLTAEDQIALLKSSAIEIIMLRSNQSFSLED
MSWSCGGPDFKYCINDVTKAGHTLELLEPLVKFQVGLKKLKLHEEEHVLLMAICLLSPDRPGVQDHVRIEALQDRLCDVL
QAYIRIQHPGGRLLYAKMIQKLADLRSLNEEHSKQYRSLSFQPEHSMQLTPLVLEVFGSEVS
;
A
2 'polypeptide(L)' KHKILHRLLQDSS B
#
loop_
_chem_comp.id
_chem_comp.type
_chem_comp.name
_chem_comp.formula
A1IQO non-polymer (1~{R},3~{S},5~{Z})-5-[(2~{E})-2-[(1~{S},3~{a}~{S},7~{a}~{S})-7~{a}-methyl-1-(4-trimethylsilylbuta-1,3-diynyl)-2,3,3~{a},5,6,7-hexahydro-1~{H}-inden-4-ylidene]ethylidene]-4-methylidene-cyclohexane-1,3-diol 'C26 H36 O2 Si'
ACT non-polymer 'ACETATE ION' 'C2 H3 O2 -1'
#
# COMPACT_ATOMS: atom_id res chain seq x y z
N HIS A 3 13.60 -22.06 -16.49
CA HIS A 3 13.70 -21.36 -17.77
C HIS A 3 12.35 -20.99 -18.35
N MET A 4 11.30 -21.38 -17.63
CA MET A 4 9.93 -21.26 -18.10
C MET A 4 9.01 -21.32 -16.89
N LEU A 5 7.99 -20.46 -16.89
CA LEU A 5 7.10 -20.33 -15.74
C LEU A 5 6.18 -21.54 -15.63
N SER A 6 6.01 -22.03 -14.40
CA SER A 6 5.17 -23.18 -14.21
C SER A 6 3.71 -22.79 -14.36
N ASP A 7 2.85 -23.80 -14.51
CA ASP A 7 1.44 -23.51 -14.68
C ASP A 7 0.86 -22.89 -13.42
N GLU A 8 1.30 -23.34 -12.25
CA GLU A 8 0.77 -22.80 -11.01
C GLU A 8 1.32 -21.42 -10.72
N GLN A 9 2.51 -21.09 -11.24
CA GLN A 9 3.04 -19.74 -11.03
C GLN A 9 2.25 -18.72 -11.83
N MET A 10 1.92 -19.04 -13.08
CA MET A 10 1.16 -18.08 -13.87
C MET A 10 -0.25 -17.91 -13.32
N GLN A 11 -0.83 -18.98 -12.74
CA GLN A 11 -2.13 -18.84 -12.08
C GLN A 11 -2.06 -17.81 -10.96
N ILE A 12 -1.03 -17.89 -10.13
CA ILE A 12 -0.85 -16.88 -9.09
C ILE A 12 -0.79 -15.49 -9.70
N ILE A 13 -0.09 -15.36 -10.82
CA ILE A 13 0.02 -14.05 -11.46
C ILE A 13 -1.35 -13.59 -11.95
N ASN A 14 -2.06 -14.47 -12.65
CA ASN A 14 -3.37 -14.10 -13.19
C ASN A 14 -4.31 -13.60 -12.12
N SER A 15 -4.38 -14.30 -10.99
CA SER A 15 -5.33 -13.92 -9.96
C SER A 15 -4.88 -12.68 -9.21
N LEU A 16 -3.57 -12.49 -9.06
CA LEU A 16 -3.10 -11.22 -8.52
C LEU A 16 -3.41 -10.06 -9.45
N VAL A 17 -3.18 -10.23 -10.76
CA VAL A 17 -3.45 -9.13 -11.68
C VAL A 17 -4.93 -8.76 -11.64
N GLU A 18 -5.80 -9.75 -11.80
CA GLU A 18 -7.24 -9.52 -11.74
C GLU A 18 -7.63 -8.80 -10.44
N ALA A 19 -7.14 -9.30 -9.31
CA ALA A 19 -7.46 -8.68 -8.02
C ALA A 19 -7.07 -7.21 -7.99
N HIS A 20 -5.96 -6.86 -8.64
CA HIS A 20 -5.57 -5.46 -8.69
C HIS A 20 -6.50 -4.67 -9.59
N HIS A 21 -6.87 -5.22 -10.75
CA HIS A 21 -7.79 -4.49 -11.62
C HIS A 21 -9.16 -4.31 -10.97
N LYS A 22 -9.53 -5.21 -10.07
CA LYS A 22 -10.81 -5.14 -9.39
C LYS A 22 -10.82 -4.13 -8.27
N THR A 23 -9.65 -3.68 -7.82
CA THR A 23 -9.57 -2.82 -6.65
C THR A 23 -8.82 -1.54 -6.92
N TYR A 24 -8.42 -1.30 -8.16
CA TYR A 24 -7.80 -0.03 -8.52
C TYR A 24 -8.54 0.52 -9.72
N ASP A 25 -9.17 1.69 -9.55
CA ASP A 25 -9.98 2.33 -10.59
C ASP A 25 -9.15 3.45 -11.21
N ASP A 26 -8.69 3.22 -12.45
CA ASP A 26 -7.92 4.22 -13.19
C ASP A 26 -8.72 5.47 -13.52
N SER A 27 -10.05 5.48 -13.37
CA SER A 27 -10.81 6.69 -13.66
C SER A 27 -10.86 7.64 -12.48
N TYR A 28 -10.55 7.16 -11.27
CA TYR A 28 -10.52 8.00 -10.06
C TYR A 28 -11.82 8.77 -9.85
N SER A 29 -12.91 8.33 -10.49
CA SER A 29 -14.16 9.05 -10.42
C SER A 29 -14.75 9.03 -9.03
N ASP A 30 -14.41 8.03 -8.21
CA ASP A 30 -14.86 8.00 -6.84
C ASP A 30 -14.30 9.15 -6.00
N PHE A 31 -13.23 9.81 -6.45
CA PHE A 31 -12.59 10.80 -5.60
C PHE A 31 -13.49 12.01 -5.32
N VAL A 32 -14.46 12.26 -6.20
CA VAL A 32 -15.36 13.39 -6.03
C VAL A 32 -16.23 13.21 -4.78
N ARG A 33 -16.34 11.98 -4.28
CA ARG A 33 -17.12 11.74 -3.08
C ARG A 33 -16.39 12.13 -1.80
N PHE A 34 -15.07 12.33 -1.86
CA PHE A 34 -14.32 12.74 -0.68
C PHE A 34 -14.63 14.19 -0.33
N ARG A 35 -14.41 14.52 0.93
CA ARG A 35 -14.40 15.92 1.34
C ARG A 35 -13.40 16.67 0.47
N PRO A 36 -13.76 17.80 -0.09
CA PRO A 36 -12.95 18.45 -1.12
C PRO A 36 -11.57 18.84 -0.59
N PRO A 37 -10.60 19.06 -1.49
CA PRO A 37 -9.29 19.60 -1.07
C PRO A 37 -9.36 21.09 -0.80
N VAL A 38 -8.56 21.54 0.18
CA VAL A 38 -8.43 22.95 0.52
C VAL A 38 -6.96 23.26 0.69
N ARG A 39 -6.46 24.26 -0.01
CA ARG A 39 -5.02 24.53 -0.02
C ARG A 39 -4.66 25.95 0.42
N ARG A 100 -4.04 24.67 11.33
CA ARG A 100 -4.92 24.62 10.17
C ARG A 100 -5.11 23.19 9.66
N LEU A 101 -4.15 22.75 8.84
CA LEU A 101 -4.19 21.45 8.14
C LEU A 101 -5.42 21.36 7.23
N SER A 102 -5.41 22.23 6.22
CA SER A 102 -6.53 22.36 5.30
C SER A 102 -6.75 21.10 4.46
N MET A 103 -5.69 20.32 4.20
CA MET A 103 -5.84 19.13 3.36
C MET A 103 -6.13 17.86 4.15
N LEU A 104 -6.08 17.91 5.48
CA LEU A 104 -6.36 16.72 6.28
C LEU A 104 -7.71 16.07 5.99
N PRO A 105 -8.82 16.79 5.78
CA PRO A 105 -10.08 16.07 5.48
C PRO A 105 -10.05 15.31 4.17
N HIS A 106 -9.59 15.94 3.08
CA HIS A 106 -9.55 15.23 1.81
C HIS A 106 -8.59 14.04 1.85
N LEU A 107 -7.37 14.26 2.37
CA LEU A 107 -6.39 13.19 2.37
C LEU A 107 -6.80 12.05 3.30
N ALA A 108 -7.45 12.37 4.42
CA ALA A 108 -7.96 11.32 5.29
C ALA A 108 -8.99 10.47 4.57
N ASP A 109 -9.88 11.11 3.80
CA ASP A 109 -10.80 10.33 2.99
C ASP A 109 -10.06 9.53 1.93
N LEU A 110 -9.05 10.12 1.29
CA LEU A 110 -8.28 9.38 0.28
C LEU A 110 -7.66 8.12 0.89
N VAL A 111 -7.01 8.26 2.04
CA VAL A 111 -6.38 7.10 2.68
C VAL A 111 -7.44 6.06 3.10
N SER A 112 -8.56 6.53 3.64
CA SER A 112 -9.60 5.60 4.09
C SER A 112 -10.15 4.79 2.92
N TYR A 113 -10.53 5.47 1.85
CA TYR A 113 -10.93 4.78 0.63
C TYR A 113 -9.88 3.75 0.21
N SER A 114 -8.60 4.15 0.24
CA SER A 114 -7.53 3.26 -0.25
C SER A 114 -7.37 2.04 0.64
N ILE A 115 -7.49 2.21 1.96
CA ILE A 115 -7.46 1.06 2.87
C ILE A 115 -8.52 0.04 2.50
N GLN A 116 -9.73 0.49 2.17
CA GLN A 116 -10.76 -0.45 1.73
C GLN A 116 -10.31 -1.23 0.49
N LYS A 117 -9.66 -0.54 -0.45
CA LYS A 117 -9.16 -1.21 -1.66
C LYS A 117 -8.09 -2.25 -1.32
N VAL A 118 -7.23 -1.93 -0.36
CA VAL A 118 -6.15 -2.84 0.00
C VAL A 118 -6.72 -4.08 0.67
N ILE A 119 -7.75 -3.91 1.50
CA ILE A 119 -8.43 -5.05 2.10
C ILE A 119 -9.06 -5.91 1.02
N GLY A 120 -9.66 -5.26 0.01
CA GLY A 120 -10.23 -6.01 -1.09
C GLY A 120 -9.19 -6.77 -1.88
N PHE A 121 -8.05 -6.13 -2.14
CA PHE A 121 -6.94 -6.80 -2.81
C PHE A 121 -6.43 -7.98 -1.98
N ALA A 122 -6.20 -7.73 -0.68
CA ALA A 122 -5.68 -8.76 0.22
C ALA A 122 -6.53 -10.01 0.19
N LYS A 123 -7.86 -9.86 0.25
CA LYS A 123 -8.77 -11.00 0.31
C LYS A 123 -8.72 -11.86 -0.94
N MET A 124 -8.12 -11.39 -2.03
CA MET A 124 -7.99 -12.18 -3.24
C MET A 124 -6.58 -12.72 -3.46
N ILE A 125 -5.65 -12.45 -2.56
CA ILE A 125 -4.37 -13.15 -2.64
C ILE A 125 -4.58 -14.60 -2.27
N PRO A 126 -4.12 -15.56 -3.10
CA PRO A 126 -4.22 -16.98 -2.74
C PRO A 126 -3.72 -17.30 -1.34
N GLY A 127 -4.61 -17.75 -0.46
CA GLY A 127 -4.25 -18.21 0.85
C GLY A 127 -4.42 -17.19 1.96
N PHE A 128 -4.41 -15.90 1.62
CA PHE A 128 -4.61 -14.87 2.64
C PHE A 128 -5.92 -15.10 3.39
N ARG A 129 -6.99 -15.41 2.64
CA ARG A 129 -8.29 -15.63 3.25
C ARG A 129 -8.30 -16.83 4.18
N ASP A 130 -7.41 -17.79 3.98
CA ASP A 130 -7.36 -18.98 4.82
C ASP A 130 -6.56 -18.78 6.10
N LEU A 131 -5.85 -17.67 6.22
CA LEU A 131 -5.27 -17.31 7.50
C LEU A 131 -6.38 -17.04 8.53
N THR A 132 -6.00 -17.06 9.80
CA THR A 132 -6.93 -16.66 10.83
C THR A 132 -7.27 -15.18 10.70
N ALA A 133 -8.45 -14.81 11.21
CA ALA A 133 -8.86 -13.41 11.17
C ALA A 133 -7.87 -12.53 11.93
N GLU A 134 -7.23 -13.07 12.97
CA GLU A 134 -6.25 -12.28 13.71
C GLU A 134 -5.05 -11.96 12.82
N ASP A 135 -4.47 -12.98 12.17
CA ASP A 135 -3.32 -12.75 11.30
C ASP A 135 -3.68 -11.82 10.15
N GLN A 136 -4.87 -12.00 9.56
CA GLN A 136 -5.29 -11.08 8.49
C GLN A 136 -5.27 -9.64 8.96
N ILE A 137 -5.68 -9.41 10.21
CA ILE A 137 -5.72 -8.05 10.75
C ILE A 137 -4.31 -7.57 11.08
N ALA A 138 -3.52 -8.41 11.74
CA ALA A 138 -2.12 -8.12 12.00
C ALA A 138 -1.39 -7.68 10.73
N LEU A 139 -1.54 -8.45 9.65
CA LEU A 139 -0.85 -8.13 8.40
C LEU A 139 -1.38 -6.81 7.82
N LEU A 140 -2.70 -6.60 7.84
CA LEU A 140 -3.26 -5.38 7.28
C LEU A 140 -2.89 -4.15 8.11
N LYS A 141 -2.91 -4.27 9.43
CA LYS A 141 -2.60 -3.10 10.25
C LYS A 141 -1.14 -2.67 10.09
N SER A 142 -0.22 -3.63 10.00
CA SER A 142 1.18 -3.23 9.85
C SER A 142 1.50 -2.79 8.42
N SER A 143 0.92 -3.46 7.42
CA SER A 143 1.36 -3.24 6.05
C SER A 143 0.51 -2.21 5.27
N ALA A 144 -0.66 -1.83 5.77
CA ALA A 144 -1.59 -1.04 4.95
C ALA A 144 -0.93 0.22 4.39
N ILE A 145 -0.25 0.99 5.24
CA ILE A 145 0.38 2.20 4.74
C ILE A 145 1.44 1.88 3.67
N GLU A 146 2.11 0.73 3.77
CA GLU A 146 3.13 0.38 2.76
C GLU A 146 2.49 0.05 1.43
N ILE A 147 1.35 -0.66 1.44
CA ILE A 147 0.68 -1.00 0.18
C ILE A 147 0.15 0.27 -0.49
N ILE A 148 -0.32 1.22 0.31
CA ILE A 148 -0.80 2.48 -0.23
C ILE A 148 0.34 3.23 -0.91
N MET A 149 1.52 3.29 -0.25
CA MET A 149 2.65 3.98 -0.87
C MET A 149 3.06 3.29 -2.16
N LEU A 150 2.97 1.96 -2.18
CA LEU A 150 3.33 1.18 -3.35
C LEU A 150 2.32 1.34 -4.47
N ARG A 151 1.03 1.15 -4.16
CA ARG A 151 -0.01 1.26 -5.18
C ARG A 151 -0.14 2.69 -5.71
N SER A 152 0.20 3.70 -4.90
CA SER A 152 0.16 5.08 -5.36
C SER A 152 1.16 5.34 -6.50
N ASN A 153 2.17 4.50 -6.67
CA ASN A 153 3.11 4.74 -7.77
C ASN A 153 2.39 4.80 -9.10
N GLN A 154 1.22 4.14 -9.21
CA GLN A 154 0.50 4.10 -10.48
C GLN A 154 -0.06 5.47 -10.87
N SER A 155 -0.25 6.40 -9.92
CA SER A 155 -0.64 7.77 -10.25
C SER A 155 0.52 8.76 -10.19
N PHE A 156 1.67 8.35 -9.67
CA PHE A 156 2.82 9.24 -9.57
C PHE A 156 3.37 9.57 -10.96
N SER A 157 3.87 10.80 -11.09
CA SER A 157 4.41 11.30 -12.35
C SER A 157 5.78 11.90 -12.09
N LEU A 158 6.78 11.46 -12.85
CA LEU A 158 8.11 12.01 -12.72
C LEU A 158 8.16 13.45 -13.21
N GLU A 159 7.28 13.81 -14.14
CA GLU A 159 7.35 15.14 -14.74
C GLU A 159 6.88 16.21 -13.77
N ASP A 160 5.91 15.89 -12.92
CA ASP A 160 5.39 16.82 -11.94
C ASP A 160 5.88 16.55 -10.51
N MET A 161 6.56 15.42 -10.29
CA MET A 161 6.93 14.98 -8.95
C MET A 161 5.72 15.03 -8.02
N SER A 162 4.60 14.52 -8.53
CA SER A 162 3.36 14.52 -7.74
C SER A 162 2.48 13.37 -8.22
N TRP A 163 1.40 13.14 -7.48
CA TRP A 163 0.41 12.13 -7.83
C TRP A 163 -0.74 12.82 -8.54
N SER A 164 -1.03 12.40 -9.76
CA SER A 164 -2.05 13.04 -10.58
C SER A 164 -3.22 12.09 -10.75
N CYS A 165 -4.33 12.37 -10.09
CA CYS A 165 -5.45 11.43 -10.16
C CYS A 165 -6.58 11.96 -11.03
N GLY A 166 -6.28 12.28 -12.29
CA GLY A 166 -7.30 12.72 -13.19
C GLY A 166 -7.44 14.22 -13.26
N GLY A 167 -8.27 14.79 -12.39
CA GLY A 167 -8.48 16.22 -12.37
C GLY A 167 -7.35 16.95 -11.65
N PRO A 168 -7.24 18.25 -11.90
CA PRO A 168 -6.22 19.04 -11.18
C PRO A 168 -6.52 19.23 -9.70
N ASP A 169 -7.77 19.15 -9.28
CA ASP A 169 -8.07 19.22 -7.86
C ASP A 169 -7.58 17.99 -7.12
N PHE A 170 -7.49 16.86 -7.83
CA PHE A 170 -6.94 15.63 -7.29
C PHE A 170 -5.50 15.41 -7.74
N LYS A 171 -4.76 16.50 -7.92
CA LYS A 171 -3.32 16.45 -8.11
C LYS A 171 -2.65 16.90 -6.81
N TYR A 172 -1.86 16.02 -6.21
CA TYR A 172 -1.31 16.22 -4.87
C TYR A 172 0.19 16.51 -4.94
N CYS A 173 0.54 17.77 -4.74
N CYS A 173 0.53 17.78 -4.74
CA CYS A 173 1.93 18.16 -4.60
CA CYS A 173 1.91 18.21 -4.59
C CYS A 173 2.44 17.78 -3.21
C CYS A 173 2.43 17.81 -3.20
N ILE A 174 3.75 17.96 -3.01
CA ILE A 174 4.33 17.80 -1.69
C ILE A 174 3.66 18.75 -0.70
N ASN A 175 3.49 20.02 -1.11
CA ASN A 175 2.91 21.02 -0.25
C ASN A 175 1.49 20.66 0.18
N ASP A 176 0.75 19.99 -0.70
CA ASP A 176 -0.57 19.50 -0.32
C ASP A 176 -0.48 18.55 0.87
N VAL A 177 0.53 17.68 0.90
CA VAL A 177 0.57 16.68 1.96
C VAL A 177 1.02 17.31 3.28
N THR A 178 1.87 18.34 3.23
CA THR A 178 2.25 19.02 4.46
C THR A 178 1.04 19.61 5.16
N LYS A 179 0.09 20.15 4.39
CA LYS A 179 -1.16 20.72 4.90
C LYS A 179 -2.11 19.66 5.38
N ALA A 180 -1.63 18.42 5.50
CA ALA A 180 -2.38 17.34 6.13
C ALA A 180 -1.72 16.88 7.43
N GLY A 181 -0.67 17.59 7.88
CA GLY A 181 0.03 17.24 9.09
C GLY A 181 1.28 16.40 8.96
N HIS A 182 1.96 16.43 7.81
CA HIS A 182 3.17 15.65 7.60
C HIS A 182 4.36 16.53 7.23
N THR A 183 5.54 16.15 7.71
CA THR A 183 6.76 16.94 7.51
C THR A 183 7.61 16.36 6.38
N LEU A 184 8.59 17.16 5.97
CA LEU A 184 9.54 16.70 4.96
C LEU A 184 10.32 15.48 5.42
N GLU A 185 10.45 15.29 6.75
CA GLU A 185 11.03 14.07 7.28
C GLU A 185 10.42 12.83 6.64
N LEU A 186 9.11 12.87 6.40
CA LEU A 186 8.44 11.77 5.69
C LEU A 186 8.37 12.03 4.20
N LEU A 187 8.12 13.28 3.80
CA LEU A 187 7.80 13.54 2.41
C LEU A 187 9.03 13.52 1.52
N GLU A 188 10.20 13.91 2.05
CA GLU A 188 11.45 13.79 1.28
C GLU A 188 11.74 12.34 0.89
N PRO A 189 11.89 11.39 1.83
CA PRO A 189 12.12 10.00 1.42
C PRO A 189 10.94 9.38 0.69
N LEU A 190 9.72 9.83 0.93
CA LEU A 190 8.58 9.25 0.22
C LEU A 190 8.67 9.57 -1.28
N VAL A 191 8.94 10.82 -1.62
CA VAL A 191 8.99 11.19 -3.04
C VAL A 191 10.20 10.55 -3.71
N LYS A 192 11.34 10.49 -3.02
CA LYS A 192 12.49 9.77 -3.57
C LYS A 192 12.16 8.31 -3.80
N PHE A 193 11.40 7.70 -2.89
CA PHE A 193 10.96 6.33 -3.08
C PHE A 193 10.11 6.20 -4.34
N GLN A 194 9.24 7.18 -4.60
CA GLN A 194 8.35 7.08 -5.75
C GLN A 194 9.12 7.20 -7.07
N VAL A 195 10.03 8.16 -7.18
CA VAL A 195 10.75 8.31 -8.44
C VAL A 195 11.60 7.08 -8.71
N GLY A 196 12.25 6.55 -7.67
CA GLY A 196 13.09 5.37 -7.87
C GLY A 196 12.28 4.15 -8.23
N LEU A 197 11.15 3.95 -7.55
CA LEU A 197 10.26 2.86 -7.94
C LEU A 197 9.70 3.08 -9.33
N LYS A 198 9.46 4.34 -9.70
CA LYS A 198 8.93 4.64 -11.02
C LYS A 198 9.95 4.30 -12.10
N LYS A 199 11.24 4.57 -11.85
CA LYS A 199 12.29 4.33 -12.84
C LYS A 199 12.47 2.83 -13.11
N LEU A 200 12.19 1.98 -12.12
CA LEU A 200 12.24 0.54 -12.33
C LEU A 200 11.36 0.08 -13.48
N LYS A 201 10.31 0.85 -13.82
CA LYS A 201 9.47 0.57 -14.98
C LYS A 201 8.82 -0.80 -14.87
N LEU A 202 8.38 -1.14 -13.65
CA LEU A 202 7.88 -2.48 -13.35
C LEU A 202 6.78 -2.92 -14.31
N HIS A 203 6.83 -4.19 -14.70
CA HIS A 203 5.66 -4.78 -15.35
C HIS A 203 4.51 -4.82 -14.36
N GLU A 204 3.29 -4.82 -14.89
CA GLU A 204 2.09 -4.93 -14.06
C GLU A 204 2.15 -6.16 -13.17
N GLU A 205 2.57 -7.30 -13.75
CA GLU A 205 2.79 -8.53 -13.00
C GLU A 205 3.77 -8.32 -11.85
N GLU A 206 4.81 -7.53 -12.05
CA GLU A 206 5.80 -7.33 -11.00
C GLU A 206 5.25 -6.42 -9.90
N HIS A 207 4.57 -5.35 -10.30
CA HIS A 207 3.96 -4.42 -9.34
C HIS A 207 3.01 -5.14 -8.39
N VAL A 208 2.14 -6.01 -8.93
CA VAL A 208 1.15 -6.67 -8.10
C VAL A 208 1.81 -7.74 -7.22
N LEU A 209 2.84 -8.43 -7.74
CA LEU A 209 3.57 -9.40 -6.93
C LEU A 209 4.27 -8.73 -5.76
N LEU A 210 4.84 -7.53 -6.00
CA LEU A 210 5.52 -6.82 -4.93
C LEU A 210 4.54 -6.37 -3.85
N MET A 211 3.35 -5.93 -4.24
CA MET A 211 2.33 -5.59 -3.23
C MET A 211 1.97 -6.80 -2.40
N ALA A 212 1.83 -7.96 -3.06
CA ALA A 212 1.42 -9.16 -2.36
C ALA A 212 2.51 -9.69 -1.45
N ILE A 213 3.77 -9.61 -1.91
CA ILE A 213 4.91 -10.03 -1.09
C ILE A 213 5.03 -9.14 0.15
N CYS A 214 4.84 -7.83 -0.03
CA CYS A 214 4.89 -6.87 1.08
C CYS A 214 3.82 -7.18 2.12
N LEU A 215 2.62 -7.49 1.66
CA LEU A 215 1.51 -7.77 2.56
C LEU A 215 1.73 -9.08 3.32
N LEU A 216 2.33 -10.07 2.69
CA LEU A 216 2.53 -11.37 3.29
C LEU A 216 3.85 -11.50 4.04
N SER A 217 4.35 -10.42 4.61
CA SER A 217 5.59 -10.53 5.38
C SER A 217 5.29 -11.13 6.75
N PRO A 218 6.00 -12.19 7.17
CA PRO A 218 5.81 -12.69 8.53
C PRO A 218 6.49 -11.85 9.59
N ASP A 219 7.43 -10.98 9.21
CA ASP A 219 8.11 -10.15 10.21
C ASP A 219 7.32 -8.86 10.47
N ARG A 220 6.08 -9.06 10.94
CA ARG A 220 5.23 -7.98 11.40
C ARG A 220 4.85 -8.24 12.84
N PRO A 221 4.70 -7.19 13.65
CA PRO A 221 4.23 -7.39 15.04
C PRO A 221 2.80 -7.92 15.02
N GLY A 222 2.56 -8.97 15.78
CA GLY A 222 1.24 -9.52 15.92
C GLY A 222 1.00 -10.83 15.23
N VAL A 223 1.76 -11.16 14.19
CA VAL A 223 1.50 -12.42 13.49
C VAL A 223 1.79 -13.58 14.42
N GLN A 224 1.00 -14.64 14.28
CA GLN A 224 1.17 -15.83 15.10
C GLN A 224 1.56 -17.04 14.27
N ASP A 225 0.92 -17.26 13.12
CA ASP A 225 1.29 -18.37 12.25
C ASP A 225 2.44 -17.91 11.35
N HIS A 226 3.62 -17.81 11.97
CA HIS A 226 4.82 -17.42 11.24
C HIS A 226 5.09 -18.37 10.07
N VAL A 227 5.01 -19.68 10.33
CA VAL A 227 5.39 -20.65 9.32
C VAL A 227 4.51 -20.52 8.08
N ARG A 228 3.19 -20.36 8.27
CA ARG A 228 2.31 -20.32 7.11
C ARG A 228 2.60 -19.09 6.27
N ILE A 229 2.62 -17.93 6.90
CA ILE A 229 2.79 -16.68 6.16
C ILE A 229 4.10 -16.67 5.40
N GLU A 230 5.17 -17.16 6.03
CA GLU A 230 6.45 -17.18 5.33
C GLU A 230 6.40 -18.06 4.10
N ALA A 231 5.73 -19.22 4.19
CA ALA A 231 5.63 -20.12 3.05
C ALA A 231 4.89 -19.46 1.90
N LEU A 232 3.76 -18.81 2.19
CA LEU A 232 3.06 -18.01 1.19
C LEU A 232 3.99 -17.00 0.55
N GLN A 233 4.68 -16.21 1.38
CA GLN A 233 5.57 -15.18 0.84
C GLN A 233 6.68 -15.80 0.02
N ASP A 234 7.21 -16.95 0.46
CA ASP A 234 8.24 -17.64 -0.30
C ASP A 234 7.75 -17.97 -1.71
N ARG A 235 6.60 -18.63 -1.81
CA ARG A 235 6.03 -18.97 -3.10
C ARG A 235 5.89 -17.75 -3.99
N LEU A 236 5.49 -16.61 -3.41
CA LEU A 236 5.31 -15.39 -4.21
C LEU A 236 6.65 -14.85 -4.71
N CYS A 237 7.70 -14.95 -3.89
CA CYS A 237 9.03 -14.51 -4.33
C CYS A 237 9.57 -15.39 -5.44
N ASP A 238 9.42 -16.72 -5.32
CA ASP A 238 9.80 -17.63 -6.39
C ASP A 238 9.12 -17.24 -7.69
N VAL A 239 7.80 -16.98 -7.64
CA VAL A 239 7.08 -16.52 -8.82
C VAL A 239 7.72 -15.25 -9.37
N LEU A 240 7.92 -14.25 -8.51
CA LEU A 240 8.52 -13.00 -8.96
C LEU A 240 9.88 -13.24 -9.60
N GLN A 241 10.74 -14.02 -8.94
CA GLN A 241 12.07 -14.27 -9.47
C GLN A 241 12.01 -14.93 -10.83
N ALA A 242 11.16 -15.95 -10.97
CA ALA A 242 11.01 -16.63 -12.25
C ALA A 242 10.46 -15.68 -13.31
N TYR A 243 9.41 -14.94 -12.98
CA TYR A 243 8.84 -14.02 -13.96
C TYR A 243 9.90 -13.08 -14.50
N ILE A 244 10.65 -12.43 -13.61
CA ILE A 244 11.66 -11.47 -14.06
C ILE A 244 12.68 -12.15 -14.96
N ARG A 245 13.14 -13.34 -14.55
CA ARG A 245 14.11 -14.08 -15.34
C ARG A 245 13.59 -14.38 -16.73
N ILE A 246 12.36 -14.88 -16.82
CA ILE A 246 11.87 -15.38 -18.10
C ILE A 246 11.34 -14.24 -18.95
N GLN A 247 10.62 -13.29 -18.33
CA GLN A 247 9.78 -12.35 -19.06
C GLN A 247 10.29 -10.91 -19.06
N HIS A 248 11.29 -10.57 -18.27
CA HIS A 248 11.73 -9.18 -18.21
C HIS A 248 13.14 -9.01 -18.79
N PRO A 249 13.27 -8.65 -20.06
CA PRO A 249 14.61 -8.52 -20.66
C PRO A 249 15.42 -7.43 -19.98
N GLY A 250 16.68 -7.74 -19.68
CA GLY A 250 17.50 -6.80 -18.94
C GLY A 250 17.06 -6.58 -17.51
N GLY A 251 16.66 -7.65 -16.81
CA GLY A 251 16.25 -7.51 -15.42
C GLY A 251 17.05 -8.37 -14.47
N ARG A 252 18.24 -8.79 -14.85
CA ARG A 252 19.06 -9.63 -13.98
C ARG A 252 19.29 -9.00 -12.61
N LEU A 253 19.17 -7.69 -12.48
CA LEU A 253 19.32 -7.02 -11.20
C LEU A 253 18.01 -6.49 -10.62
N LEU A 254 16.88 -6.74 -11.27
CA LEU A 254 15.62 -6.14 -10.85
C LEU A 254 15.14 -6.72 -9.52
N TYR A 255 15.24 -8.04 -9.35
CA TYR A 255 14.69 -8.67 -8.13
C TYR A 255 15.31 -8.06 -6.88
N ALA A 256 16.64 -7.98 -6.84
CA ALA A 256 17.31 -7.35 -5.70
C ALA A 256 16.83 -5.91 -5.50
N LYS A 257 16.67 -5.15 -6.59
CA LYS A 257 16.23 -3.76 -6.47
C LYS A 257 14.88 -3.68 -5.79
N MET A 258 13.97 -4.59 -6.14
CA MET A 258 12.62 -4.60 -5.59
C MET A 258 12.64 -4.95 -4.11
N ILE A 259 13.42 -5.96 -3.74
CA ILE A 259 13.57 -6.30 -2.32
C ILE A 259 14.13 -5.13 -1.55
N GLN A 260 14.98 -4.31 -2.17
CA GLN A 260 15.45 -3.10 -1.51
C GLN A 260 14.29 -2.13 -1.28
N LYS A 261 13.36 -2.05 -2.23
CA LYS A 261 12.24 -1.14 -2.06
C LYS A 261 11.37 -1.56 -0.88
N LEU A 262 11.24 -2.87 -0.64
CA LEU A 262 10.56 -3.34 0.56
C LEU A 262 11.26 -2.80 1.80
N ALA A 263 12.59 -2.82 1.82
CA ALA A 263 13.32 -2.26 2.95
C ALA A 263 13.03 -0.77 3.12
N ASP A 264 12.98 -0.03 2.01
CA ASP A 264 12.67 1.39 2.09
C ASP A 264 11.29 1.60 2.68
N LEU A 265 10.35 0.70 2.38
CA LEU A 265 8.99 0.83 2.88
C LEU A 265 8.93 0.72 4.40
N ARG A 266 9.74 -0.16 4.99
CA ARG A 266 9.78 -0.25 6.44
C ARG A 266 10.19 1.08 7.05
N SER A 267 11.16 1.75 6.44
CA SER A 267 11.59 3.03 6.96
C SER A 267 10.53 4.10 6.79
N LEU A 268 9.82 4.10 5.65
CA LEU A 268 8.73 5.05 5.46
C LEU A 268 7.60 4.76 6.44
N ASN A 269 7.35 3.48 6.71
CA ASN A 269 6.30 3.08 7.65
C ASN A 269 6.63 3.63 9.03
N GLU A 270 7.87 3.47 9.46
CA GLU A 270 8.28 3.96 10.77
C GLU A 270 8.04 5.45 10.90
N GLU A 271 8.47 6.21 9.89
CA GLU A 271 8.34 7.66 9.94
C GLU A 271 6.87 8.07 9.91
N HIS A 272 6.09 7.42 9.06
CA HIS A 272 4.65 7.69 9.00
C HIS A 272 3.99 7.39 10.34
N SER A 273 4.33 6.26 10.96
CA SER A 273 3.74 5.93 12.25
C SER A 273 4.04 6.99 13.29
N LYS A 274 5.30 7.45 13.35
CA LYS A 274 5.64 8.51 14.30
C LYS A 274 4.81 9.75 14.08
N GLN A 275 4.64 10.17 12.82
CA GLN A 275 3.88 11.38 12.55
C GLN A 275 2.38 11.18 12.68
N TYR A 276 1.87 9.98 12.36
CA TYR A 276 0.48 9.69 12.65
C TYR A 276 0.19 9.80 14.14
N ARG A 277 1.12 9.32 14.96
CA ARG A 277 0.90 9.31 16.41
C ARG A 277 0.67 10.71 16.95
N SER A 278 1.42 11.70 16.47
CA SER A 278 1.27 13.06 16.99
C SER A 278 -0.04 13.69 16.55
N LEU A 279 -0.49 13.35 15.34
CA LEU A 279 -1.79 13.82 14.87
C LEU A 279 -2.90 13.25 15.74
N SER A 280 -2.87 11.94 15.99
CA SER A 280 -3.92 11.25 16.70
C SER A 280 -3.93 11.55 18.19
N PHE A 281 -2.89 12.20 18.72
CA PHE A 281 -2.93 12.67 20.10
C PHE A 281 -3.52 14.06 20.22
N GLN A 282 -3.89 14.69 19.11
CA GLN A 282 -4.52 16.00 19.15
C GLN A 282 -5.95 15.85 18.64
N PRO A 283 -6.95 15.93 19.51
CA PRO A 283 -8.30 15.55 19.08
C PRO A 283 -8.88 16.48 18.03
N GLU A 284 -8.44 17.74 17.95
CA GLU A 284 -8.95 18.63 16.92
C GLU A 284 -8.52 18.16 15.54
N HIS A 285 -7.39 17.46 15.44
CA HIS A 285 -6.98 16.80 14.20
C HIS A 285 -7.55 15.39 14.10
N SER A 286 -7.42 14.58 15.14
CA SER A 286 -7.91 13.21 15.03
C SER A 286 -9.39 13.16 14.72
N MET A 287 -10.17 14.16 15.13
CA MET A 287 -11.60 14.17 14.81
C MET A 287 -11.85 14.25 13.31
N GLN A 288 -10.89 14.76 12.54
CA GLN A 288 -11.00 14.82 11.09
C GLN A 288 -10.72 13.49 10.40
N LEU A 289 -10.17 12.51 11.11
CA LEU A 289 -9.84 11.21 10.52
C LEU A 289 -11.11 10.40 10.33
N THR A 290 -10.99 9.23 9.68
CA THR A 290 -12.24 8.48 9.59
C THR A 290 -12.20 7.30 10.56
N PRO A 291 -13.36 6.69 10.86
CA PRO A 291 -13.34 5.51 11.74
C PRO A 291 -12.47 4.37 11.23
N LEU A 292 -12.32 4.20 9.91
CA LEU A 292 -11.49 3.09 9.41
C LEU A 292 -10.00 3.41 9.59
N VAL A 293 -9.62 4.64 9.30
CA VAL A 293 -8.25 5.09 9.56
C VAL A 293 -7.87 4.87 11.01
N LEU A 294 -8.71 5.33 11.93
CA LEU A 294 -8.38 5.23 13.35
C LEU A 294 -8.28 3.78 13.79
N GLU A 295 -9.13 2.92 13.23
CA GLU A 295 -9.07 1.49 13.57
C GLU A 295 -7.80 0.85 13.02
N VAL A 296 -7.46 1.12 11.76
CA VAL A 296 -6.35 0.40 11.12
C VAL A 296 -5.01 0.93 11.60
N PHE A 297 -4.84 2.26 11.60
CA PHE A 297 -3.60 2.87 12.06
C PHE A 297 -3.53 2.96 13.58
N GLY A 298 -4.59 2.57 14.28
CA GLY A 298 -4.58 2.60 15.72
C GLY A 298 -3.76 1.46 16.31
N SER A 299 -3.58 1.51 17.61
CA SER A 299 -2.66 0.63 18.31
C SER A 299 -3.36 -0.44 19.15
N GLU A 300 -4.66 -0.66 18.95
CA GLU A 300 -5.30 -1.74 19.68
C GLU A 300 -4.84 -3.09 19.13
N VAL A 301 -4.79 -4.08 20.01
CA VAL A 301 -4.29 -5.40 19.67
C VAL A 301 -5.41 -6.42 19.79
N SER A 302 -5.57 -7.25 18.75
CA SER A 302 -6.52 -8.35 18.76
C SER A 302 -5.87 -9.62 19.33
N LYS B 1 -13.28 -5.50 19.20
CA LYS B 1 -12.17 -4.72 18.61
C LYS B 1 -12.14 -4.93 17.10
N HIS B 2 -11.65 -3.96 16.34
CA HIS B 2 -11.51 -4.12 14.87
C HIS B 2 -12.86 -4.49 14.24
N LYS B 3 -13.94 -3.93 14.77
CA LYS B 3 -15.29 -4.20 14.22
C LYS B 3 -15.31 -3.97 12.71
N ILE B 4 -14.77 -2.86 12.24
CA ILE B 4 -14.91 -2.59 10.83
C ILE B 4 -14.07 -3.54 10.01
N LEU B 5 -12.84 -3.81 10.47
CA LEU B 5 -11.96 -4.74 9.76
C LEU B 5 -12.56 -6.13 9.66
N HIS B 6 -13.11 -6.63 10.76
CA HIS B 6 -13.83 -7.91 10.74
C HIS B 6 -14.93 -7.89 9.69
N ARG B 7 -15.76 -6.86 9.72
CA ARG B 7 -16.82 -6.73 8.72
C ARG B 7 -16.23 -6.75 7.31
N LEU B 8 -15.23 -5.91 7.05
CA LEU B 8 -14.62 -5.84 5.72
C LEU B 8 -13.98 -7.15 5.31
N LEU B 9 -13.47 -7.91 6.27
CA LEU B 9 -12.88 -9.20 5.98
C LEU B 9 -13.93 -10.30 5.85
N GLN B 10 -15.21 -9.91 5.82
CA GLN B 10 -16.35 -10.83 5.74
C GLN B 10 -16.40 -11.71 6.98
C ACT C . -8.41 3.05 -6.51
O ACT C . -9.57 2.66 -6.86
OXT ACT C . -7.73 2.72 -5.52
CH3 ACT C . -7.72 4.09 -7.42
C7 A1IQO D . 0.60 8.23 -0.21
C8 A1IQO D . 0.99 8.52 1.26
C9 A1IQO D . 0.69 10.03 1.45
C1 A1IQO D . -1.39 11.98 -1.29
C5 A1IQO D . -0.38 10.38 0.40
C6 A1IQO D . -0.53 11.83 -0.05
C4 A1IQO D . 0.22 9.60 -0.81
C3 A1IQO D . -0.63 9.69 -2.04
C2 A1IQO D . -0.87 11.12 -2.44
C10 A1IQO D . -1.14 8.62 -2.66
C11 A1IQO D . -1.99 8.64 -3.77
C12 A1IQO D . -2.95 7.76 -4.09
C13 A1IQO D . -3.78 7.95 -5.34
C14 A1IQO D . -4.03 6.65 -6.08
C15 A1IQO D . -4.61 5.63 -5.12
C16 A1IQO D . -3.64 5.35 -3.98
C17 A1IQO D . -3.32 6.62 -3.24
C18 A1IQO D . -3.46 6.68 -1.93
C21 A1IQO D . -1.75 9.79 0.76
C22 A1IQO D . 0.17 10.28 2.72
C23 A1IQO D . -0.36 10.47 3.78
C24 A1IQO D . -1.21 10.58 4.85
C25 A1IQO D . -1.93 10.65 5.80
C27 A1IQO D . -4.59 10.09 7.04
C28 A1IQO D . -2.89 12.45 7.97
C29 A1IQO D . -1.99 9.60 8.59
O19 A1IQO D . -4.16 4.35 -3.12
O20 A1IQO D . -2.78 6.16 -6.61
SI26 A1IQO D . -2.87 10.70 7.38
#